data_6VXR
#
_entry.id   6VXR
#
_cell.length_a   52.124
_cell.length_b   70.159
_cell.length_c   102.067
_cell.angle_alpha   90.000
_cell.angle_beta   90.000
_cell.angle_gamma   90.000
#
_symmetry.space_group_name_H-M   'P 21 21 21'
#
loop_
_entity.id
_entity.type
_entity.pdbx_description
1 polymer 'Maternal embryonic leucine zipper kinase'
2 non-polymer (7R)-2-[(3,5-difluoro-4-hydroxyphenyl)amino]-7-methyl-5,8-di(prop-2-yn-1-yl)-7,8-dihydropteridin-6(5H)-one
3 non-polymer 1,2-ETHANEDIOL
4 water water
#
_entity_poly.entity_id   1
_entity_poly.type   'polypeptide(L)'
_entity_poly.pdbx_seq_one_letter_code
;SMKDYDELLKYYELHETIGTGGFAKVKLACHILTGEMVAIKIMDKNTLGSDLPRIKTEIEALKNLRHQHICQLYHVLETA
NKIFMVLEYCPGGELFDYIISQDRLSEEETRVVFRQIVSAVAYVHSQGYAHRDLKPENLLFDEYHKLKLIDFGLCAKPKG
NKDYHLQTCCGSLAYAAPELIQGKSYLGSEADVWSMGILLYVLMCGFLPFDDDNVMALYKKIMRGKYDVPKWLSPSSILL
LQQMLQVDPKKRISMKNLLNHPWIMQDYNYPVEWQSKNPFIHLDDDCVTELSVHHRNNRQTMEDLISLWQYDHLTATYLL
LLAKKARGKPVRLRLSSFS
;
_entity_poly.pdbx_strand_id   A
#
loop_
_chem_comp.id
_chem_comp.type
_chem_comp.name
_chem_comp.formula
EDO non-polymer 1,2-ETHANEDIOL 'C2 H6 O2'
F7D non-polymer (7R)-2-[(3,5-difluoro-4-hydroxyphenyl)amino]-7-methyl-5,8-di(prop-2-yn-1-yl)-7,8-dihydropteridin-6(5H)-one 'C19 H15 F2 N5 O2'
#
# COMPACT_ATOMS: atom_id res chain seq x y z
N MET A 2 19.06 -16.70 -19.51
CA MET A 2 19.13 -15.26 -19.70
C MET A 2 19.91 -14.58 -18.59
N LYS A 3 20.80 -13.68 -18.98
CA LYS A 3 21.65 -12.94 -18.06
C LYS A 3 20.94 -12.00 -17.12
N ASP A 4 19.75 -11.54 -17.49
CA ASP A 4 18.99 -10.63 -16.65
C ASP A 4 18.62 -11.21 -15.30
N TYR A 5 18.59 -12.54 -15.23
CA TYR A 5 18.19 -13.27 -14.01
C TYR A 5 19.42 -13.72 -13.21
N ASP A 6 20.63 -13.59 -13.78
CA ASP A 6 21.90 -14.10 -13.19
C ASP A 6 22.04 -13.55 -11.78
N GLU A 7 22.09 -12.23 -11.62
CA GLU A 7 22.33 -11.57 -10.31
C GLU A 7 21.17 -11.88 -9.37
N LEU A 8 19.93 -11.91 -9.88
CA LEU A 8 18.70 -12.13 -9.07
C LEU A 8 18.71 -13.53 -8.47
N LEU A 9 19.07 -14.56 -9.25
CA LEU A 9 19.10 -15.98 -8.82
C LEU A 9 20.25 -16.26 -7.83
N LYS A 10 21.17 -15.31 -7.65
CA LYS A 10 22.18 -15.38 -6.54
C LYS A 10 21.48 -15.17 -5.19
N TYR A 11 20.37 -14.44 -5.18
CA TYR A 11 19.71 -13.97 -3.93
C TYR A 11 18.36 -14.68 -3.71
N TYR A 12 17.65 -15.02 -4.77
CA TYR A 12 16.33 -15.64 -4.67
C TYR A 12 16.06 -16.85 -5.56
N GLU A 13 15.24 -17.77 -5.04
CA GLU A 13 14.69 -18.93 -5.79
C GLU A 13 13.26 -18.59 -6.20
N LEU A 14 12.97 -18.62 -7.48
CA LEU A 14 11.66 -18.30 -7.99
C LEU A 14 10.63 -19.41 -7.83
N HIS A 15 9.40 -19.02 -7.55
CA HIS A 15 8.29 -19.92 -7.43
C HIS A 15 7.19 -19.54 -8.40
N GLU A 16 5.95 -19.75 -8.00
CA GLU A 16 4.79 -19.46 -8.83
C GLU A 16 4.47 -18.00 -9.14
N THR A 17 3.92 -17.77 -10.32
CA THR A 17 3.40 -16.46 -10.76
C THR A 17 2.19 -16.09 -9.89
N ILE A 18 2.04 -14.83 -9.54
CA ILE A 18 0.90 -14.37 -8.77
C ILE A 18 0.04 -13.47 -9.64
N ALA A 24 3.39 -5.48 -15.46
CA ALA A 24 4.47 -6.20 -14.74
C ALA A 24 3.99 -7.60 -14.31
N LYS A 25 4.87 -8.60 -14.46
CA LYS A 25 4.66 -9.97 -13.93
C LYS A 25 5.12 -9.99 -12.47
N VAL A 26 4.42 -10.74 -11.64
CA VAL A 26 4.79 -10.90 -10.27
C VAL A 26 4.99 -12.38 -9.97
N LYS A 27 6.15 -12.73 -9.43
CA LYS A 27 6.49 -14.12 -9.04
C LYS A 27 6.65 -14.17 -7.52
N LEU A 28 6.06 -15.18 -6.88
CA LEU A 28 6.44 -15.61 -5.51
C LEU A 28 7.88 -16.12 -5.59
N ALA A 29 8.69 -15.76 -4.59
CA ALA A 29 10.12 -16.15 -4.50
C ALA A 29 10.51 -16.33 -3.03
N CYS A 30 11.63 -17.02 -2.83
CA CYS A 30 12.25 -17.25 -1.50
C CYS A 30 13.61 -16.55 -1.48
N HIS A 31 13.83 -15.69 -0.49
CA HIS A 31 15.13 -15.06 -0.19
C HIS A 31 16.04 -16.12 0.43
N ILE A 32 17.13 -16.49 -0.26
CA ILE A 32 17.94 -17.72 0.02
C ILE A 32 18.51 -17.62 1.44
N LEU A 33 19.04 -16.47 1.82
CA LEU A 33 19.78 -16.24 3.09
C LEU A 33 18.85 -16.37 4.31
N THR A 34 17.57 -15.99 4.19
CA THR A 34 16.62 -15.93 5.34
C THR A 34 15.57 -17.04 5.25
N GLY A 35 15.32 -17.57 4.05
CA GLY A 35 14.19 -18.49 3.77
C GLY A 35 12.86 -17.76 3.71
N GLU A 36 12.84 -16.43 3.83
CA GLU A 36 11.59 -15.61 3.83
C GLU A 36 11.02 -15.54 2.42
N MET A 37 9.69 -15.66 2.30
CA MET A 37 8.96 -15.53 1.03
C MET A 37 8.82 -14.03 0.71
N VAL A 38 8.94 -13.69 -0.57
CA VAL A 38 8.75 -12.31 -1.09
C VAL A 38 7.94 -12.37 -2.39
N ALA A 39 7.43 -11.22 -2.80
CA ALA A 39 6.82 -11.00 -4.13
C ALA A 39 7.83 -10.20 -4.96
N ILE A 40 8.21 -10.72 -6.13
CA ILE A 40 9.14 -10.00 -7.05
C ILE A 40 8.35 -9.53 -8.26
N LYS A 41 8.37 -8.22 -8.48
CA LYS A 41 7.75 -7.60 -9.61
C LYS A 41 8.83 -7.47 -10.67
N ILE A 42 8.59 -8.05 -11.83
CA ILE A 42 9.51 -8.07 -12.99
C ILE A 42 8.98 -7.07 -14.02
N MET A 43 9.76 -6.07 -14.34
CA MET A 43 9.36 -5.09 -15.33
C MET A 43 10.33 -5.14 -16.47
N ASP A 44 9.83 -5.16 -17.68
CA ASP A 44 10.68 -5.19 -18.85
C ASP A 44 10.80 -3.78 -19.38
N LYS A 45 12.02 -3.29 -19.47
CA LYS A 45 12.28 -1.95 -19.92
C LYS A 45 11.81 -1.71 -21.35
N ASN A 46 11.99 -2.70 -22.22
CA ASN A 46 11.58 -2.51 -23.60
C ASN A 46 10.08 -2.26 -23.74
N THR A 47 9.25 -3.05 -23.07
CA THR A 47 7.81 -2.84 -23.16
C THR A 47 7.37 -1.51 -22.54
N LEU A 48 8.00 -1.15 -21.44
CA LEU A 48 7.65 0.10 -20.77
C LEU A 48 7.91 1.29 -21.68
N GLY A 49 9.04 1.26 -22.37
CA GLY A 49 9.40 2.32 -23.29
C GLY A 49 9.37 3.75 -22.79
N SER A 50 8.45 4.53 -23.34
CA SER A 50 8.29 5.98 -23.01
C SER A 50 7.95 6.16 -21.53
N ASP A 51 7.38 5.14 -20.87
CA ASP A 51 6.91 5.17 -19.46
C ASP A 51 8.06 4.93 -18.47
N LEU A 52 9.27 4.59 -18.95
CA LEU A 52 10.43 4.17 -18.12
C LEU A 52 10.78 5.27 -17.11
N PRO A 53 11.06 6.52 -17.53
CA PRO A 53 11.42 7.58 -16.59
C PRO A 53 10.38 7.82 -15.47
N ARG A 54 9.11 7.50 -15.73
CA ARG A 54 7.97 7.72 -14.80
C ARG A 54 7.97 6.65 -13.70
N ILE A 55 8.16 5.37 -14.06
CA ILE A 55 8.26 4.23 -13.11
C ILE A 55 9.53 4.39 -12.26
N LYS A 56 10.60 4.95 -12.83
CA LYS A 56 11.85 5.28 -12.10
C LYS A 56 11.53 6.26 -10.96
N THR A 57 10.73 7.29 -11.25
CA THR A 57 10.27 8.30 -10.27
C THR A 57 9.46 7.61 -9.16
N GLU A 58 8.60 6.67 -9.54
CA GLU A 58 7.69 5.90 -8.62
C GLU A 58 8.49 5.00 -7.67
N ILE A 59 9.56 4.34 -8.17
CA ILE A 59 10.47 3.49 -7.35
C ILE A 59 11.10 4.36 -6.27
N GLU A 60 11.55 5.56 -6.66
CA GLU A 60 12.19 6.53 -5.73
C GLU A 60 11.18 6.97 -4.67
N ALA A 61 9.89 7.11 -5.03
CA ALA A 61 8.80 7.43 -4.07
C ALA A 61 8.68 6.32 -3.04
N LEU A 62 8.67 5.07 -3.50
CA LEU A 62 8.53 3.89 -2.61
C LEU A 62 9.75 3.76 -1.67
N LYS A 63 10.94 4.13 -2.14
CA LYS A 63 12.19 4.15 -1.31
C LYS A 63 12.00 5.12 -0.13
N ASN A 64 11.13 6.13 -0.26
CA ASN A 64 10.90 7.17 0.76
C ASN A 64 9.70 6.81 1.65
N LEU A 65 9.06 5.66 1.41
CA LEU A 65 7.87 5.22 2.19
C LEU A 65 8.25 4.00 3.02
N ARG A 66 8.25 4.14 4.35
CA ARG A 66 8.40 3.01 5.29
C ARG A 66 7.38 3.18 6.42
N HIS A 67 6.36 2.35 6.41
CA HIS A 67 5.25 2.48 7.32
C HIS A 67 4.66 1.12 7.61
N GLN A 68 3.99 1.01 8.75
CA GLN A 68 3.36 -0.21 9.17
C GLN A 68 2.17 -0.64 8.32
N HIS A 69 1.70 0.24 7.45
CA HIS A 69 0.56 -0.07 6.59
C HIS A 69 0.85 0.07 5.11
N ILE A 70 2.12 0.15 4.76
CA ILE A 70 2.62 0.17 3.36
C ILE A 70 3.50 -1.06 3.14
N CYS A 71 3.29 -1.77 2.04
CA CYS A 71 4.10 -2.92 1.70
C CYS A 71 5.52 -2.45 1.56
N GLN A 72 6.42 -3.15 2.23
CA GLN A 72 7.85 -2.75 2.26
C GLN A 72 8.49 -3.10 0.91
N LEU A 73 9.26 -2.16 0.35
CA LEU A 73 10.25 -2.43 -0.73
C LEU A 73 11.55 -2.92 -0.07
N TYR A 74 12.01 -4.10 -0.45
CA TYR A 74 13.21 -4.68 0.13
C TYR A 74 14.43 -4.52 -0.75
N HIS A 75 14.22 -4.62 -2.05
CA HIS A 75 15.33 -4.66 -2.98
C HIS A 75 14.95 -4.19 -4.38
N VAL A 76 15.79 -3.39 -5.00
CA VAL A 76 15.59 -2.96 -6.38
C VAL A 76 16.82 -3.38 -7.18
N LEU A 77 16.62 -4.13 -8.24
CA LEU A 77 17.71 -4.59 -9.09
C LEU A 77 17.49 -4.22 -10.53
N GLU A 78 18.47 -3.58 -11.14
CA GLU A 78 18.35 -3.24 -12.53
C GLU A 78 19.40 -3.92 -13.38
N THR A 79 18.95 -4.50 -14.49
CA THR A 79 19.81 -5.18 -15.48
C THR A 79 19.70 -4.39 -16.80
N ALA A 80 20.34 -4.87 -17.86
CA ALA A 80 20.28 -4.24 -19.20
C ALA A 80 18.83 -4.08 -19.65
N ASN A 81 18.02 -5.12 -19.47
CA ASN A 81 16.64 -5.09 -19.95
C ASN A 81 15.54 -5.06 -18.92
N LYS A 82 15.84 -5.32 -17.66
CA LYS A 82 14.78 -5.37 -16.67
C LYS A 82 15.01 -4.62 -15.39
N ILE A 83 13.94 -4.49 -14.63
CA ILE A 83 13.99 -3.91 -13.31
C ILE A 83 13.20 -4.84 -12.41
N PHE A 84 13.81 -5.24 -11.31
CA PHE A 84 13.19 -6.12 -10.34
C PHE A 84 12.94 -5.39 -9.05
N MET A 85 11.72 -5.45 -8.57
CA MET A 85 11.33 -4.89 -7.25
C MET A 85 10.92 -6.06 -6.37
N VAL A 86 11.64 -6.24 -5.26
CA VAL A 86 11.36 -7.30 -4.29
C VAL A 86 10.53 -6.61 -3.23
N LEU A 87 9.30 -7.08 -3.09
CA LEU A 87 8.34 -6.52 -2.19
C LEU A 87 7.81 -7.57 -1.25
N GLU A 88 7.08 -7.11 -0.24
CA GLU A 88 6.51 -7.97 0.77
C GLU A 88 5.38 -8.87 0.29
N TYR A 89 5.49 -10.17 0.56
CA TYR A 89 4.46 -11.19 0.26
C TYR A 89 3.38 -11.07 1.33
N CYS A 90 2.13 -10.93 0.90
CA CYS A 90 0.99 -10.79 1.78
C CYS A 90 0.07 -11.97 1.57
N PRO A 91 0.15 -12.96 2.45
CA PRO A 91 -0.62 -14.20 2.34
C PRO A 91 -2.12 -14.13 2.64
N GLY A 92 -2.58 -13.03 3.20
CA GLY A 92 -4.01 -12.86 3.56
C GLY A 92 -4.87 -12.44 2.36
N GLY A 93 -4.30 -12.10 1.23
CA GLY A 93 -5.13 -11.75 0.10
C GLY A 93 -5.50 -10.29 0.00
N GLU A 94 -6.31 -9.95 -0.99
CA GLU A 94 -6.73 -8.55 -1.27
C GLU A 94 -8.06 -8.27 -0.54
N LEU A 95 -8.37 -6.99 -0.34
CA LEU A 95 -9.46 -6.50 0.55
C LEU A 95 -10.83 -6.93 0.02
N PHE A 96 -11.08 -6.84 -1.29
CA PHE A 96 -12.44 -7.11 -1.84
C PHE A 96 -12.79 -8.58 -1.64
N ASP A 97 -11.84 -9.49 -1.85
CA ASP A 97 -12.00 -10.95 -1.58
C ASP A 97 -12.48 -11.11 -0.13
N TYR A 98 -11.90 -10.37 0.81
CA TYR A 98 -12.29 -10.41 2.24
C TYR A 98 -13.73 -9.89 2.42
N ILE A 99 -14.10 -8.81 1.74
CA ILE A 99 -15.48 -8.23 1.83
C ILE A 99 -16.48 -9.25 1.28
N ILE A 100 -16.13 -9.96 0.22
CA ILE A 100 -16.96 -11.04 -0.40
C ILE A 100 -17.17 -12.19 0.60
N SER A 101 -16.13 -12.57 1.35
CA SER A 101 -16.17 -13.70 2.33
C SER A 101 -17.15 -13.38 3.47
N GLN A 102 -17.28 -12.13 3.86
CA GLN A 102 -18.17 -11.75 4.94
C GLN A 102 -19.45 -11.08 4.50
N ASP A 103 -19.70 -10.97 3.19
CA ASP A 103 -20.86 -10.26 2.61
C ASP A 103 -20.71 -8.72 2.63
N ARG A 104 -20.60 -8.17 3.83
CA ARG A 104 -20.29 -6.80 4.15
C ARG A 104 -19.77 -6.82 5.59
N LEU A 105 -18.97 -5.83 5.93
CA LEU A 105 -18.42 -5.66 7.29
C LEU A 105 -19.42 -4.87 8.14
N SER A 106 -19.53 -5.19 9.43
CA SER A 106 -20.23 -4.34 10.43
C SER A 106 -19.53 -2.98 10.48
N GLU A 107 -20.19 -1.98 11.04
CA GLU A 107 -19.60 -0.64 11.28
C GLU A 107 -18.30 -0.81 12.07
N GLU A 108 -18.31 -1.70 13.06
CA GLU A 108 -17.17 -1.96 13.98
C GLU A 108 -15.97 -2.43 13.17
N GLU A 109 -16.12 -3.50 12.39
CA GLU A 109 -15.00 -4.12 11.64
C GLU A 109 -14.59 -3.21 10.48
N THR A 110 -15.52 -2.42 9.93
CA THR A 110 -15.20 -1.37 8.92
C THR A 110 -14.20 -0.38 9.54
N ARG A 111 -14.45 0.00 10.80
CA ARG A 111 -13.63 1.00 11.52
C ARG A 111 -12.21 0.45 11.68
N VAL A 112 -12.08 -0.81 12.11
CA VAL A 112 -10.78 -1.51 12.28
C VAL A 112 -10.00 -1.36 10.97
N VAL A 113 -10.64 -1.75 9.87
CA VAL A 113 -9.99 -1.78 8.52
C VAL A 113 -9.75 -0.35 8.07
N PHE A 114 -10.78 0.48 8.06
CA PHE A 114 -10.68 1.83 7.56
C PHE A 114 -9.64 2.71 8.23
N ARG A 115 -9.46 2.54 9.52
CA ARG A 115 -8.44 3.30 10.29
C ARG A 115 -7.02 2.98 9.78
N GLN A 116 -6.78 1.76 9.31
CA GLN A 116 -5.51 1.36 8.77
C GLN A 116 -5.32 2.02 7.40
N ILE A 117 -6.38 2.06 6.62
CA ILE A 117 -6.33 2.71 5.32
C ILE A 117 -6.04 4.18 5.49
N VAL A 118 -6.71 4.81 6.44
CA VAL A 118 -6.50 6.23 6.70
C VAL A 118 -5.10 6.48 7.17
N SER A 119 -4.60 5.60 8.02
CA SER A 119 -3.26 5.75 8.53
C SER A 119 -2.24 5.72 7.41
N ALA A 120 -2.38 4.78 6.49
CA ALA A 120 -1.45 4.71 5.38
C ALA A 120 -1.53 5.91 4.43
N VAL A 121 -2.73 6.32 4.07
CA VAL A 121 -2.89 7.44 3.15
C VAL A 121 -2.39 8.75 3.76
N ALA A 122 -2.68 8.96 5.03
CA ALA A 122 -2.24 10.16 5.70
C ALA A 122 -0.72 10.22 5.67
N TYR A 123 -0.07 9.09 5.88
CA TYR A 123 1.42 9.03 5.88
C TYR A 123 1.93 9.34 4.47
N VAL A 124 1.32 8.76 3.43
CA VAL A 124 1.70 9.04 2.01
C VAL A 124 1.67 10.56 1.78
N HIS A 125 0.57 11.22 2.15
CA HIS A 125 0.40 12.69 2.04
C HIS A 125 1.47 13.42 2.87
N SER A 126 1.79 12.92 4.07
CA SER A 126 2.83 13.52 4.94
C SER A 126 4.20 13.50 4.23
N GLN A 127 4.48 12.49 3.40
CA GLN A 127 5.77 12.35 2.69
C GLN A 127 5.77 13.16 1.40
N GLY A 128 4.65 13.79 1.06
CA GLY A 128 4.51 14.74 -0.07
C GLY A 128 4.00 14.07 -1.34
N TYR A 129 3.43 12.88 -1.26
CA TYR A 129 2.83 12.17 -2.43
C TYR A 129 1.32 12.07 -2.25
N ALA A 130 0.65 11.69 -3.33
CA ALA A 130 -0.73 11.17 -3.36
C ALA A 130 -0.68 9.79 -4.02
N HIS A 131 -1.48 8.84 -3.57
CA HIS A 131 -1.49 7.53 -4.19
C HIS A 131 -2.12 7.54 -5.58
N ARG A 132 -3.34 8.06 -5.63
CA ARG A 132 -4.12 8.27 -6.85
C ARG A 132 -4.75 7.06 -7.50
N ASP A 133 -4.58 5.88 -6.91
CA ASP A 133 -5.19 4.70 -7.43
C ASP A 133 -5.74 3.83 -6.33
N LEU A 134 -6.29 4.45 -5.30
CA LEU A 134 -6.83 3.67 -4.21
C LEU A 134 -8.03 2.86 -4.62
N LYS A 135 -8.04 1.61 -4.24
CA LYS A 135 -9.14 0.65 -4.50
C LYS A 135 -8.80 -0.64 -3.76
N PRO A 136 -9.79 -1.54 -3.56
CA PRO A 136 -9.56 -2.73 -2.74
C PRO A 136 -8.41 -3.60 -3.24
N GLU A 137 -8.15 -3.60 -4.55
CA GLU A 137 -7.12 -4.46 -5.19
C GLU A 137 -5.73 -4.04 -4.69
N ASN A 138 -5.56 -2.77 -4.31
CA ASN A 138 -4.26 -2.20 -3.87
C ASN A 138 -4.12 -2.29 -2.34
N LEU A 139 -4.97 -3.06 -1.69
CA LEU A 139 -4.92 -3.25 -0.24
C LEU A 139 -4.90 -4.74 0.12
N LEU A 140 -3.81 -5.20 0.69
CA LEU A 140 -3.68 -6.61 1.04
C LEU A 140 -3.51 -6.88 2.52
N PHE A 141 -3.84 -8.10 2.94
CA PHE A 141 -3.64 -8.53 4.35
C PHE A 141 -2.30 -9.26 4.48
N ASP A 142 -1.59 -8.96 5.55
CA ASP A 142 -0.36 -9.62 5.89
C ASP A 142 -0.67 -10.83 6.78
N GLU A 143 0.35 -11.54 7.22
CA GLU A 143 0.16 -12.76 8.05
C GLU A 143 -0.57 -12.41 9.36
N TYR A 144 -0.50 -11.16 9.81
CA TYR A 144 -1.10 -10.68 11.09
C TYR A 144 -2.51 -10.10 10.85
N HIS A 145 -3.10 -10.32 9.67
CA HIS A 145 -4.42 -9.78 9.26
C HIS A 145 -4.41 -8.24 9.36
N LYS A 146 -3.27 -7.60 9.12
CA LYS A 146 -3.12 -6.11 9.06
C LYS A 146 -3.06 -5.68 7.59
N LEU A 147 -3.67 -4.55 7.26
CA LEU A 147 -3.71 -4.04 5.89
C LEU A 147 -2.44 -3.36 5.42
N LYS A 148 -2.03 -3.67 4.19
CA LYS A 148 -0.87 -3.07 3.58
C LYS A 148 -1.24 -2.50 2.21
N LEU A 149 -0.85 -1.26 1.95
CA LEU A 149 -1.14 -0.60 0.69
C LEU A 149 -0.01 -0.82 -0.31
N ILE A 150 -0.34 -1.06 -1.59
CA ILE A 150 0.69 -1.30 -2.58
C ILE A 150 0.51 -0.39 -3.78
N ASP A 151 1.46 -0.49 -4.72
CA ASP A 151 1.44 0.12 -6.08
C ASP A 151 1.66 1.63 -5.96
N CYS A 170 -10.09 2.92 -17.72
CA CYS A 170 -11.50 2.45 -17.50
C CYS A 170 -11.59 1.54 -16.27
N GLY A 171 -10.51 0.79 -15.96
CA GLY A 171 -10.47 -0.26 -14.92
C GLY A 171 -10.70 0.27 -13.51
N SER A 172 -10.22 1.48 -13.19
CA SER A 172 -10.30 2.12 -11.85
C SER A 172 -11.34 3.25 -11.83
N LEU A 173 -12.19 3.35 -12.85
CA LEU A 173 -13.16 4.46 -13.03
C LEU A 173 -14.07 4.58 -11.80
N ALA A 174 -14.53 3.47 -11.23
CA ALA A 174 -15.51 3.40 -10.12
C ALA A 174 -15.00 4.14 -8.87
N TYR A 175 -13.67 4.26 -8.70
CA TYR A 175 -13.00 4.88 -7.53
C TYR A 175 -12.45 6.27 -7.88
N ALA A 176 -12.61 6.72 -9.12
CA ALA A 176 -12.09 8.00 -9.65
C ALA A 176 -12.98 9.16 -9.23
N ALA A 177 -12.38 10.21 -8.67
CA ALA A 177 -13.06 11.48 -8.29
C ALA A 177 -13.60 12.17 -9.53
N PRO A 178 -14.70 12.92 -9.40
CA PRO A 178 -15.31 13.64 -10.50
C PRO A 178 -14.30 14.47 -11.30
N GLU A 179 -13.47 15.24 -10.62
CA GLU A 179 -12.50 16.05 -11.32
C GLU A 179 -11.47 15.25 -12.11
N LEU A 180 -11.12 14.07 -11.60
CA LEU A 180 -10.12 13.15 -12.20
C LEU A 180 -10.68 12.58 -13.51
N ILE A 181 -11.99 12.39 -13.57
CA ILE A 181 -12.68 11.89 -14.73
C ILE A 181 -12.72 12.95 -15.83
N GLN A 182 -13.03 14.18 -15.44
CA GLN A 182 -13.16 15.32 -16.34
C GLN A 182 -11.87 15.75 -17.03
N GLY A 183 -10.72 15.44 -16.42
CA GLY A 183 -9.44 15.80 -16.97
C GLY A 183 -8.94 17.12 -16.45
N LYS A 184 -9.71 17.72 -15.57
CA LYS A 184 -9.34 18.98 -14.96
C LYS A 184 -8.15 18.73 -14.04
N SER A 185 -7.23 19.68 -13.98
CA SER A 185 -6.06 19.53 -13.07
CA SER A 185 -6.06 19.53 -13.07
C SER A 185 -6.56 19.31 -11.63
N TYR A 186 -6.14 18.21 -11.01
CA TYR A 186 -6.58 17.76 -9.66
C TYR A 186 -5.48 18.00 -8.63
N LEU A 187 -5.86 18.14 -7.36
CA LEU A 187 -4.98 17.90 -6.19
C LEU A 187 -5.13 16.44 -5.78
N GLY A 188 -4.03 15.68 -5.83
CA GLY A 188 -3.97 14.26 -5.42
C GLY A 188 -4.63 14.02 -4.07
N SER A 189 -4.43 14.92 -3.10
CA SER A 189 -4.92 14.75 -1.70
C SER A 189 -6.44 14.66 -1.69
N GLU A 190 -7.12 15.56 -2.39
CA GLU A 190 -8.61 15.61 -2.45
C GLU A 190 -9.14 14.39 -3.21
N ALA A 191 -8.47 13.96 -4.28
CA ALA A 191 -8.85 12.77 -5.09
C ALA A 191 -8.73 11.52 -4.22
N ASP A 192 -7.69 11.44 -3.39
CA ASP A 192 -7.51 10.30 -2.51
C ASP A 192 -8.63 10.24 -1.49
N VAL A 193 -9.06 11.38 -0.99
CA VAL A 193 -10.14 11.41 -0.02
C VAL A 193 -11.43 10.86 -0.61
N TRP A 194 -11.72 11.21 -1.86
CA TRP A 194 -12.90 10.71 -2.54
C TRP A 194 -12.83 9.19 -2.70
N SER A 195 -11.65 8.69 -3.06
CA SER A 195 -11.43 7.26 -3.26
C SER A 195 -11.65 6.50 -1.96
N MET A 196 -11.23 7.08 -0.85
CA MET A 196 -11.43 6.48 0.45
C MET A 196 -12.91 6.44 0.79
N GLY A 197 -13.66 7.45 0.38
CA GLY A 197 -15.09 7.47 0.58
C GLY A 197 -15.72 6.31 -0.14
N ILE A 198 -15.28 6.01 -1.35
CA ILE A 198 -15.79 4.88 -2.09
C ILE A 198 -15.45 3.59 -1.36
N LEU A 199 -14.25 3.49 -0.83
CA LEU A 199 -13.83 2.30 -0.08
C LEU A 199 -14.68 2.11 1.16
N LEU A 200 -14.96 3.21 1.85
CA LEU A 200 -15.79 3.17 3.05
C LEU A 200 -17.15 2.60 2.70
N TYR A 201 -17.71 3.06 1.61
CA TYR A 201 -19.04 2.58 1.14
C TYR A 201 -18.99 1.07 0.88
N VAL A 202 -17.96 0.60 0.15
CA VAL A 202 -17.85 -0.82 -0.29
C VAL A 202 -17.71 -1.71 0.95
N LEU A 203 -16.87 -1.31 1.90
CA LEU A 203 -16.67 -2.00 3.19
C LEU A 203 -18.00 -2.23 3.90
N MET A 204 -18.87 -1.20 3.98
CA MET A 204 -20.10 -1.26 4.82
C MET A 204 -21.28 -1.81 4.02
N CYS A 205 -21.22 -1.79 2.69
CA CYS A 205 -22.38 -2.16 1.82
C CYS A 205 -22.08 -3.42 1.00
N GLY A 206 -20.83 -3.63 0.57
CA GLY A 206 -20.43 -4.83 -0.18
C GLY A 206 -20.63 -4.68 -1.68
N PHE A 207 -21.00 -3.47 -2.13
CA PHE A 207 -21.15 -3.09 -3.55
C PHE A 207 -20.79 -1.60 -3.71
N LEU A 208 -20.64 -1.13 -4.94
CA LEU A 208 -20.16 0.25 -5.26
C LEU A 208 -21.30 1.25 -5.16
N PRO A 209 -21.04 2.50 -4.74
CA PRO A 209 -22.05 3.57 -4.75
C PRO A 209 -22.39 4.05 -6.18
N PHE A 210 -21.39 4.06 -7.08
CA PHE A 210 -21.54 4.39 -8.52
C PHE A 210 -21.13 3.18 -9.36
N ASP A 211 -22.08 2.61 -10.09
CA ASP A 211 -21.85 1.38 -10.89
C ASP A 211 -22.81 1.38 -12.08
N ASP A 212 -22.32 0.96 -13.24
CA ASP A 212 -23.15 0.78 -14.46
C ASP A 212 -22.42 -0.13 -15.43
N ASP A 213 -23.17 -0.92 -16.20
CA ASP A 213 -22.64 -1.72 -17.34
C ASP A 213 -22.08 -0.77 -18.40
N ASN A 214 -22.65 0.43 -18.55
CA ASN A 214 -22.25 1.41 -19.60
C ASN A 214 -21.31 2.46 -18.98
N VAL A 215 -20.11 2.58 -19.56
CA VAL A 215 -19.03 3.53 -19.15
C VAL A 215 -19.57 4.97 -19.13
N MET A 216 -20.32 5.40 -20.16
CA MET A 216 -20.84 6.79 -20.26
C MET A 216 -21.77 7.05 -19.07
N ALA A 217 -22.64 6.10 -18.74
CA ALA A 217 -23.59 6.19 -17.60
C ALA A 217 -22.84 6.20 -16.27
N LEU A 218 -21.72 5.49 -16.16
CA LEU A 218 -20.87 5.51 -14.95
C LEU A 218 -20.25 6.91 -14.77
N TYR A 219 -19.73 7.50 -15.86
CA TYR A 219 -19.17 8.88 -15.87
C TYR A 219 -20.21 9.83 -15.29
N LYS A 220 -21.43 9.79 -15.84
CA LYS A 220 -22.52 10.71 -15.45
C LYS A 220 -22.89 10.46 -13.99
N LYS A 221 -22.96 9.19 -13.55
CA LYS A 221 -23.34 8.84 -12.15
C LYS A 221 -22.31 9.43 -11.17
N ILE A 222 -21.01 9.33 -11.48
CA ILE A 222 -19.93 9.81 -10.57
C ILE A 222 -20.00 11.34 -10.49
N MET A 223 -20.09 12.01 -11.64
CA MET A 223 -20.11 13.50 -11.71
C MET A 223 -21.39 14.03 -11.07
N ARG A 224 -22.51 13.30 -11.14
CA ARG A 224 -23.76 13.69 -10.45
C ARG A 224 -23.58 13.54 -8.93
N GLY A 225 -22.96 12.45 -8.48
CA GLY A 225 -22.58 12.24 -7.07
C GLY A 225 -23.74 11.78 -6.21
N LYS A 226 -24.81 11.26 -6.82
CA LYS A 226 -26.00 10.71 -6.11
C LYS A 226 -25.90 9.18 -6.10
N TYR A 227 -26.12 8.57 -4.93
CA TYR A 227 -25.98 7.12 -4.66
C TYR A 227 -27.04 6.68 -3.64
N ASP A 228 -27.46 5.41 -3.69
CA ASP A 228 -28.38 4.80 -2.71
C ASP A 228 -27.69 4.77 -1.34
N VAL A 229 -28.44 5.07 -0.28
CA VAL A 229 -27.98 4.95 1.14
C VAL A 229 -28.75 3.80 1.78
N PRO A 230 -28.19 2.57 1.78
CA PRO A 230 -28.86 1.42 2.38
C PRO A 230 -29.36 1.65 3.80
N LYS A 231 -30.38 0.88 4.20
CA LYS A 231 -31.17 1.04 5.45
C LYS A 231 -30.33 0.65 6.68
N TRP A 232 -29.21 -0.07 6.52
CA TRP A 232 -28.43 -0.64 7.64
C TRP A 232 -27.28 0.29 8.05
N LEU A 233 -27.14 1.45 7.40
CA LEU A 233 -26.03 2.42 7.68
C LEU A 233 -26.48 3.38 8.79
N SER A 234 -25.66 3.54 9.84
CA SER A 234 -25.87 4.50 10.95
C SER A 234 -25.83 5.92 10.42
N PRO A 235 -26.50 6.89 11.07
CA PRO A 235 -26.49 8.27 10.57
C PRO A 235 -25.07 8.87 10.58
N SER A 236 -24.20 8.45 11.50
CA SER A 236 -22.77 8.87 11.54
C SER A 236 -22.03 8.31 10.32
N SER A 237 -22.28 7.04 9.94
CA SER A 237 -21.72 6.44 8.70
C SER A 237 -22.10 7.30 7.50
N ILE A 238 -23.39 7.66 7.41
CA ILE A 238 -24.00 8.41 6.28
C ILE A 238 -23.39 9.81 6.20
N LEU A 239 -23.18 10.48 7.33
CA LEU A 239 -22.62 11.86 7.39
C LEU A 239 -21.16 11.82 6.86
N LEU A 240 -20.32 10.95 7.41
CA LEU A 240 -18.90 10.77 6.98
C LEU A 240 -18.82 10.55 5.46
N LEU A 241 -19.68 9.69 4.92
CA LEU A 241 -19.74 9.42 3.45
C LEU A 241 -20.04 10.73 2.70
N GLN A 242 -21.02 11.52 3.17
CA GLN A 242 -21.41 12.81 2.52
C GLN A 242 -20.20 13.74 2.50
N GLN A 243 -19.43 13.79 3.59
CA GLN A 243 -18.26 14.70 3.75
C GLN A 243 -17.09 14.27 2.85
N MET A 244 -16.85 12.96 2.75
CA MET A 244 -15.85 12.43 1.83
C MET A 244 -16.25 12.51 0.37
N LEU A 245 -17.49 12.13 0.09
CA LEU A 245 -18.00 12.11 -1.26
C LEU A 245 -18.65 13.41 -1.74
N GLN A 246 -17.84 14.44 -1.93
CA GLN A 246 -18.33 15.70 -2.42
C GLN A 246 -17.77 15.87 -3.80
N VAL A 247 -18.63 16.13 -4.75
CA VAL A 247 -18.24 16.35 -6.18
C VAL A 247 -17.26 17.53 -6.26
N ASP A 248 -17.52 18.61 -5.50
CA ASP A 248 -16.58 19.75 -5.36
C ASP A 248 -15.47 19.32 -4.42
N PRO A 249 -14.20 19.21 -4.89
CA PRO A 249 -13.10 18.80 -4.04
C PRO A 249 -12.80 19.80 -2.91
N LYS A 250 -13.22 21.05 -3.06
CA LYS A 250 -13.04 22.14 -2.05
C LYS A 250 -13.97 21.89 -0.85
N LYS A 251 -15.11 21.21 -1.05
CA LYS A 251 -16.10 20.91 0.04
C LYS A 251 -15.75 19.57 0.69
N ARG A 252 -14.79 18.84 0.12
CA ARG A 252 -14.39 17.50 0.60
C ARG A 252 -13.64 17.65 1.93
N ILE A 253 -13.96 16.82 2.92
CA ILE A 253 -13.26 16.76 4.24
C ILE A 253 -11.75 16.62 4.01
N SER A 254 -10.95 17.32 4.79
CA SER A 254 -9.51 17.25 4.71
C SER A 254 -9.03 16.05 5.51
N MET A 255 -7.78 15.68 5.31
CA MET A 255 -7.20 14.55 6.02
C MET A 255 -7.11 14.77 7.53
N LYS A 256 -6.76 15.98 7.93
CA LYS A 256 -6.62 16.29 9.35
C LYS A 256 -7.92 16.07 10.10
N ASN A 257 -9.02 16.51 9.50
CA ASN A 257 -10.35 16.32 10.08
C ASN A 257 -10.72 14.85 10.13
N LEU A 258 -10.32 14.11 9.12
CA LEU A 258 -10.58 12.70 9.06
C LEU A 258 -9.89 11.95 10.19
N LEU A 259 -8.67 12.34 10.52
CA LEU A 259 -7.92 11.67 11.58
C LEU A 259 -8.65 11.53 12.91
N ASN A 260 -9.33 12.59 13.33
CA ASN A 260 -10.07 12.64 14.58
C ASN A 260 -11.59 12.81 14.44
N HIS A 261 -12.15 12.37 13.32
CA HIS A 261 -13.57 12.45 13.08
C HIS A 261 -14.34 11.61 14.10
N PRO A 262 -15.52 12.10 14.54
CA PRO A 262 -16.29 11.36 15.54
C PRO A 262 -16.49 9.87 15.23
N TRP A 263 -16.89 9.54 14.00
CA TRP A 263 -17.07 8.15 13.51
C TRP A 263 -15.75 7.37 13.68
N ILE A 264 -14.63 7.99 13.33
CA ILE A 264 -13.25 7.42 13.39
C ILE A 264 -12.87 7.19 14.87
N MET A 265 -13.12 8.20 15.71
CA MET A 265 -12.75 8.23 17.16
C MET A 265 -13.59 7.23 17.97
N GLN A 266 -14.75 6.88 17.44
CA GLN A 266 -15.66 6.00 18.16
C GLN A 266 -15.02 4.68 18.42
N ASP A 267 -15.08 4.28 19.68
CA ASP A 267 -14.62 3.00 20.19
C ASP A 267 -13.12 2.93 20.36
N TYR A 268 -12.43 3.98 19.99
CA TYR A 268 -10.98 3.98 20.10
C TYR A 268 -10.55 5.06 21.05
N ASN A 269 -11.26 6.17 20.95
CA ASN A 269 -11.07 7.35 21.79
C ASN A 269 -9.70 8.01 21.64
N TYR A 270 -9.07 7.75 20.50
CA TYR A 270 -7.79 8.42 20.13
C TYR A 270 -7.71 8.52 18.61
N PRO A 271 -7.08 9.58 18.07
CA PRO A 271 -7.01 9.76 16.61
C PRO A 271 -6.24 8.65 15.91
N VAL A 272 -6.47 8.49 14.61
CA VAL A 272 -5.70 7.54 13.75
C VAL A 272 -4.22 7.84 13.92
N GLU A 273 -3.41 6.83 14.24
CA GLU A 273 -1.92 6.92 14.30
C GLU A 273 -1.38 6.79 12.87
N TRP A 274 -1.06 7.92 12.24
CA TRP A 274 -0.58 8.00 10.83
C TRP A 274 0.96 7.93 10.80
N GLN A 275 1.62 8.38 11.85
CA GLN A 275 3.06 8.38 11.88
C GLN A 275 3.63 6.99 11.80
N SER A 276 4.74 6.86 11.08
CA SER A 276 5.40 5.59 10.91
C SER A 276 6.05 5.11 12.18
N LYS A 277 5.87 3.83 12.46
CA LYS A 277 6.50 3.21 13.62
C LYS A 277 7.81 2.61 13.13
N ASN A 278 7.79 2.16 11.88
CA ASN A 278 8.96 1.56 11.17
C ASN A 278 9.97 2.65 10.80
N PRO A 279 11.07 2.81 11.56
CA PRO A 279 11.98 3.95 11.34
C PRO A 279 13.06 3.66 10.28
N PHE A 280 13.60 4.69 9.66
CA PHE A 280 14.72 4.54 8.78
C PHE A 280 15.95 4.61 9.67
N ILE A 281 15.94 5.55 10.60
CA ILE A 281 17.05 5.77 11.52
C ILE A 281 17.40 4.71 12.56
N HIS A 282 16.42 4.16 13.26
CA HIS A 282 16.67 3.15 14.28
C HIS A 282 17.02 1.80 13.68
N LEU A 283 17.83 1.02 14.39
CA LEU A 283 18.25 -0.30 13.92
C LEU A 283 18.00 -1.35 14.98
N ASP A 284 17.89 -2.60 14.57
CA ASP A 284 17.66 -3.72 15.53
C ASP A 284 19.00 -4.43 15.78
N ASP A 285 19.46 -4.43 17.03
CA ASP A 285 20.81 -4.92 17.43
C ASP A 285 20.97 -6.39 17.04
N ASP A 286 19.95 -7.22 17.27
CA ASP A 286 19.97 -8.68 16.96
C ASP A 286 20.29 -8.91 15.49
N CYS A 287 19.57 -8.21 14.60
CA CYS A 287 19.72 -8.31 13.12
C CYS A 287 21.08 -7.75 12.69
N VAL A 288 21.53 -6.65 13.31
CA VAL A 288 22.86 -6.02 13.06
C VAL A 288 23.95 -7.01 13.47
N THR A 289 23.85 -7.55 14.68
CA THR A 289 24.77 -8.57 15.26
C THR A 289 24.94 -9.74 14.27
N GLU A 290 23.83 -10.27 13.75
CA GLU A 290 23.83 -11.45 12.85
C GLU A 290 24.51 -11.11 11.51
N LEU A 291 24.27 -9.91 10.99
CA LEU A 291 24.87 -9.43 9.71
C LEU A 291 26.37 -9.17 9.90
N SER A 292 26.76 -8.59 11.04
CA SER A 292 28.19 -8.36 11.43
C SER A 292 28.99 -9.65 11.29
N VAL A 293 28.58 -10.70 12.02
CA VAL A 293 29.23 -12.05 12.03
C VAL A 293 29.32 -12.55 10.57
N HIS A 294 28.21 -12.52 9.83
CA HIS A 294 28.08 -13.02 8.44
C HIS A 294 29.02 -12.24 7.50
N HIS A 295 29.10 -10.92 7.67
CA HIS A 295 29.95 -10.00 6.85
C HIS A 295 31.39 -10.00 7.35
N ARG A 296 31.62 -10.46 8.59
CA ARG A 296 32.93 -10.38 9.30
C ARG A 296 33.32 -8.90 9.45
N ASN A 297 32.42 -8.08 10.00
CA ASN A 297 32.63 -6.64 10.31
C ASN A 297 32.31 -6.39 11.79
N ASN A 298 32.44 -5.13 12.25
CA ASN A 298 32.08 -4.68 13.62
C ASN A 298 30.65 -4.14 13.63
N ARG A 299 30.13 -3.79 14.81
CA ARG A 299 28.74 -3.28 15.01
C ARG A 299 28.61 -1.88 14.40
N GLN A 300 29.58 -1.00 14.66
CA GLN A 300 29.60 0.41 14.15
C GLN A 300 29.58 0.40 12.62
N THR A 301 30.47 -0.38 12.00
CA THR A 301 30.65 -0.49 10.52
C THR A 301 29.36 -1.01 9.87
N MET A 302 28.85 -2.13 10.37
CA MET A 302 27.61 -2.79 9.86
C MET A 302 26.45 -1.80 9.96
N GLU A 303 26.37 -1.03 11.05
CA GLU A 303 25.34 0.01 11.30
C GLU A 303 25.46 1.11 10.24
N ASP A 304 26.70 1.57 9.94
CA ASP A 304 27.01 2.61 8.92
C ASP A 304 26.48 2.16 7.56
N LEU A 305 26.81 0.93 7.14
CA LEU A 305 26.48 0.34 5.81
C LEU A 305 24.97 0.21 5.64
N ILE A 306 24.30 -0.47 6.57
CA ILE A 306 22.82 -0.72 6.56
C ILE A 306 22.10 0.63 6.41
N SER A 307 22.56 1.67 7.12
CA SER A 307 21.91 2.99 7.20
C SER A 307 22.10 3.80 5.91
N LEU A 308 22.81 3.23 4.96
CA LEU A 308 22.96 3.76 3.62
C LEU A 308 21.64 3.62 2.84
N TRP A 309 20.91 2.53 3.12
CA TRP A 309 19.63 2.25 2.46
C TRP A 309 19.66 2.27 0.94
N GLN A 310 20.56 1.50 0.34
CA GLN A 310 20.68 1.44 -1.11
C GLN A 310 19.66 0.57 -1.82
N TYR A 311 18.89 -0.17 -1.04
CA TYR A 311 17.89 -1.11 -1.54
C TYR A 311 18.56 -2.21 -2.36
N ASP A 312 19.72 -2.60 -1.89
CA ASP A 312 20.49 -3.71 -2.44
C ASP A 312 20.24 -4.94 -1.56
N HIS A 313 20.95 -6.03 -1.80
CA HIS A 313 20.81 -7.26 -1.03
C HIS A 313 20.91 -7.08 0.49
N LEU A 314 21.79 -6.19 0.91
CA LEU A 314 21.99 -5.85 2.35
C LEU A 314 20.67 -5.36 2.94
N THR A 315 20.09 -4.30 2.35
CA THR A 315 18.76 -3.76 2.70
C THR A 315 17.75 -4.90 2.80
N ALA A 316 17.61 -5.72 1.74
CA ALA A 316 16.67 -6.85 1.67
C ALA A 316 16.92 -7.79 2.86
N THR A 317 18.18 -8.22 3.03
CA THR A 317 18.59 -9.20 4.06
C THR A 317 18.26 -8.63 5.45
N TYR A 318 18.59 -7.36 5.71
CA TYR A 318 18.31 -6.73 7.02
C TYR A 318 16.80 -6.72 7.29
N LEU A 319 15.99 -6.22 6.35
CA LEU A 319 14.53 -6.04 6.55
C LEU A 319 13.85 -7.41 6.67
N LEU A 320 14.33 -8.42 5.95
CA LEU A 320 13.76 -9.80 6.03
C LEU A 320 14.16 -10.48 7.35
N LEU A 321 15.35 -10.20 7.89
CA LEU A 321 15.75 -10.69 9.24
C LEU A 321 14.81 -10.10 10.29
N LEU A 322 14.46 -8.82 10.14
CA LEU A 322 13.56 -8.07 11.06
C LEU A 322 12.15 -8.68 11.02
N ALA A 323 11.68 -9.09 9.85
CA ALA A 323 10.37 -9.77 9.65
C ALA A 323 10.40 -11.17 10.27
N LYS A 324 11.47 -11.93 10.00
CA LYS A 324 11.70 -13.30 10.54
C LYS A 324 11.67 -13.22 12.07
N LYS A 325 12.34 -12.20 12.63
CA LYS A 325 12.37 -11.92 14.08
C LYS A 325 10.95 -11.70 14.61
N ALA A 326 10.15 -10.85 13.97
CA ALA A 326 8.79 -10.45 14.40
C ALA A 326 7.88 -11.68 14.49
N ARG A 327 8.04 -12.65 13.59
CA ARG A 327 7.26 -13.93 13.57
C ARG A 327 7.73 -14.85 14.70
N GLY A 328 8.91 -14.59 15.28
CA GLY A 328 9.53 -15.43 16.33
C GLY A 328 10.32 -16.59 15.75
N LYS A 329 10.78 -16.48 14.49
CA LYS A 329 11.62 -17.50 13.81
C LYS A 329 13.09 -17.20 14.12
N PRO A 330 14.01 -18.19 14.02
CA PRO A 330 15.44 -17.94 14.28
C PRO A 330 16.08 -16.99 13.27
N VAL A 331 17.06 -16.20 13.73
CA VAL A 331 17.69 -15.05 13.01
C VAL A 331 18.96 -15.53 12.27
N ARG A 332 19.40 -16.77 12.50
CA ARG A 332 20.68 -17.29 11.96
C ARG A 332 20.58 -17.47 10.43
N LEU A 333 21.46 -16.81 9.68
CA LEU A 333 21.59 -16.92 8.20
C LEU A 333 22.32 -18.22 7.85
C4 F7D B . -0.27 -11.56 -3.27
C14 F7D B . 2.78 -7.57 -3.40
C5 F7D B . 1.60 -9.70 -2.89
C6 F7D B . 0.72 -11.70 -2.30
C11 F7D B . -0.29 -9.44 -7.16
C7 F7D B . -3.55 -10.23 -4.45
C8 F7D B . -1.08 -13.86 -2.88
C9 F7D B . -1.93 -14.03 -1.70
C10 F7D B . -1.07 -9.10 -5.97
C12 F7D B . 0.35 -9.67 -8.12
C13 F7D B . -2.62 -14.16 -0.76
N1 F7D B . -1.18 -10.20 -5.01
N2 F7D B . -1.24 -12.55 -3.50
C3 F7D B . -0.23 -10.42 -4.05
N3 F7D B . 0.70 -9.47 -3.86
C1 F7D B . -2.27 -12.36 -4.37
C2 F7D B . -2.40 -11.01 -5.05
N4 F7D B . 1.64 -10.77 -2.11
O1 F7D B . -3.07 -13.25 -4.61
N5 F7D B . 2.55 -8.77 -2.69
C15 F7D B . 2.50 -7.50 -4.76
C16 F7D B . 2.72 -6.33 -5.43
C17 F7D B . 3.24 -5.22 -4.80
C18 F7D B . 3.52 -5.32 -3.45
C19 F7D B . 3.30 -6.47 -2.74
F1 F7D B . 4.02 -4.25 -2.81
O2 F7D B . 3.46 -4.08 -5.46
F2 F7D B . 2.45 -6.27 -6.74
C1 EDO C . 22.10 -6.22 -5.63
O1 EDO C . 21.35 -5.14 -6.19
C2 EDO C . 23.29 -5.67 -4.88
O2 EDO C . 23.44 -6.36 -3.65
#